data_6BDX
#
_entry.id   6BDX
#
_cell.length_a   57.803
_cell.length_b   71.723
_cell.length_c   138.414
_cell.angle_alpha   90.00
_cell.angle_beta   90.00
_cell.angle_gamma   90.00
#
_symmetry.space_group_name_H-M   'I 2 2 2'
#
loop_
_entity.id
_entity.type
_entity.pdbx_description
1 polymer '4-hydroxy-tetrahydrodipicolinate reductase'
2 non-polymer 'SULFATE ION'
3 water water
#
_entity_poly.entity_id   1
_entity_poly.type   'polypeptide(L)'
_entity_poly.pdbx_seq_one_letter_code
;GMIPLKIAIAGANGRMGRVLVEAVNNHPDTVLSGALEHSGSEALGLDAGYAVGLKTGIAISDDVDAVLAQSDVLIDFTRP
EPTLKHLQKCVEKQVNIIIGTTGFDDAGKAAIRAAAEKTGIVFAANFSVGVNLTFHILDTVARVLNEGYDIEIIEGHHRH
KVDAPSGTALRMGEVIAGALGRDLKQCAVYGREGHTGPRDPSTIGFATVRAGDIVGDHTALFATDGERVEITHKAGSRMT
FAAGAVRAAVWVNGKTGLYDMQDVLGLNNR
;
_entity_poly.pdbx_strand_id   A
#
# COMPACT_ATOMS: atom_id res chain seq x y z
N GLY A 1 11.49 -6.56 18.41
CA GLY A 1 12.95 -6.51 18.10
C GLY A 1 13.59 -5.19 18.50
N MET A 2 14.87 -5.26 18.85
CA MET A 2 15.68 -4.09 19.03
C MET A 2 15.84 -3.38 17.66
N ILE A 3 16.10 -2.11 17.71
CA ILE A 3 16.59 -1.40 16.56
C ILE A 3 18.10 -1.87 16.36
N PRO A 4 18.56 -2.09 15.15
CA PRO A 4 17.76 -1.81 13.97
C PRO A 4 16.84 -2.99 13.74
N LEU A 5 15.68 -2.73 13.18
CA LEU A 5 14.73 -3.82 12.87
C LEU A 5 15.20 -4.66 11.67
N LYS A 6 15.16 -5.99 11.81
CA LYS A 6 15.67 -6.87 10.85
C LYS A 6 14.49 -7.22 9.95
N ILE A 7 14.53 -6.75 8.73
CA ILE A 7 13.50 -6.97 7.74
C ILE A 7 13.79 -8.00 6.67
N ALA A 8 12.83 -8.93 6.49
CA ALA A 8 12.83 -9.81 5.39
C ALA A 8 11.81 -9.43 4.32
N ILE A 9 12.18 -9.60 3.04
CA ILE A 9 11.36 -9.21 1.88
C ILE A 9 10.96 -10.47 1.10
N ALA A 10 9.66 -10.69 0.88
CA ALA A 10 9.23 -11.80 0.02
C ALA A 10 9.22 -11.29 -1.40
N GLY A 11 9.29 -12.21 -2.37
CA GLY A 11 9.28 -11.87 -3.80
C GLY A 11 10.39 -10.90 -4.12
N ALA A 12 11.58 -11.19 -3.58
CA ALA A 12 12.60 -10.18 -3.60
C ALA A 12 13.07 -9.83 -4.96
N ASN A 13 12.96 -10.74 -5.88
CA ASN A 13 13.26 -10.43 -7.28
C ASN A 13 12.17 -9.76 -8.14
N GLY A 14 10.94 -9.58 -7.63
CA GLY A 14 9.92 -8.89 -8.39
C GLY A 14 10.09 -7.39 -8.30
N ARG A 15 9.19 -6.70 -8.97
CA ARG A 15 9.27 -5.24 -9.06
C ARG A 15 9.09 -4.61 -7.69
N MET A 16 8.10 -5.07 -6.90
CA MET A 16 7.93 -4.54 -5.56
C MET A 16 9.12 -4.92 -4.66
N GLY A 17 9.61 -6.13 -4.82
CA GLY A 17 10.71 -6.60 -4.00
C GLY A 17 11.98 -5.81 -4.09
N ARG A 18 12.34 -5.45 -5.33
CA ARG A 18 13.51 -4.59 -5.51
C ARG A 18 13.40 -3.24 -4.85
N VAL A 19 12.26 -2.57 -5.01
CA VAL A 19 12.04 -1.32 -4.39
C VAL A 19 12.00 -1.40 -2.83
N LEU A 20 11.42 -2.45 -2.34
CA LEU A 20 11.50 -2.75 -0.92
C LEU A 20 12.93 -2.87 -0.41
N VAL A 21 13.80 -3.54 -1.16
CA VAL A 21 15.21 -3.62 -0.75
C VAL A 21 15.77 -2.21 -0.59
N GLU A 22 15.49 -1.35 -1.57
CA GLU A 22 15.94 0.06 -1.51
C GLU A 22 15.31 0.83 -0.35
N ALA A 23 14.03 0.63 -0.13
CA ALA A 23 13.33 1.23 1.02
C ALA A 23 13.91 0.84 2.39
N VAL A 24 14.25 -0.45 2.57
CA VAL A 24 14.91 -0.92 3.79
C VAL A 24 16.28 -0.25 3.89
N ASN A 25 16.97 -0.18 2.77
CA ASN A 25 18.29 0.50 2.77
C ASN A 25 18.25 1.97 3.16
N ASN A 26 17.21 2.67 2.72
CA ASN A 26 17.09 4.13 2.98
C ASN A 26 16.70 4.44 4.38
N HIS A 27 15.95 3.58 5.03
CA HIS A 27 15.42 3.90 6.39
C HIS A 27 16.48 3.58 7.47
N PRO A 28 16.86 4.58 8.27
CA PRO A 28 17.98 4.35 9.21
C PRO A 28 17.71 3.39 10.37
N ASP A 29 16.45 3.06 10.63
CA ASP A 29 16.11 2.17 11.71
C ASP A 29 15.92 0.72 11.28
N THR A 30 16.21 0.39 10.02
CA THR A 30 15.98 -0.94 9.52
C THR A 30 17.23 -1.48 8.83
N VAL A 31 17.36 -2.80 8.77
CA VAL A 31 18.40 -3.48 7.99
C VAL A 31 17.78 -4.66 7.31
N LEU A 32 18.31 -5.05 6.19
CA LEU A 32 17.84 -6.21 5.46
C LEU A 32 18.43 -7.51 6.02
N SER A 33 17.62 -8.48 6.44
CA SER A 33 18.07 -9.69 7.01
C SER A 33 17.68 -10.89 6.18
N GLY A 34 16.80 -10.71 5.21
CA GLY A 34 16.43 -11.87 4.32
C GLY A 34 15.74 -11.44 3.07
N ALA A 35 15.82 -12.28 2.05
CA ALA A 35 15.25 -11.94 0.76
C ALA A 35 14.80 -13.21 0.12
N LEU A 36 13.48 -13.42 0.02
CA LEU A 36 12.96 -14.66 -0.40
C LEU A 36 12.48 -14.69 -1.82
N GLU A 37 12.71 -15.82 -2.44
CA GLU A 37 12.14 -16.12 -3.76
C GLU A 37 11.70 -17.59 -3.76
N HIS A 38 10.85 -17.94 -4.71
CA HIS A 38 10.50 -19.37 -4.89
C HIS A 38 11.66 -20.21 -5.53
N SER A 39 11.62 -21.55 -5.41
CA SER A 39 12.76 -22.41 -5.87
C SER A 39 13.14 -22.33 -7.38
N GLY A 40 12.32 -21.71 -8.19
CA GLY A 40 12.57 -21.59 -9.67
C GLY A 40 13.18 -20.26 -10.08
N SER A 41 13.47 -19.40 -9.12
CA SER A 41 13.84 -18.05 -9.47
C SER A 41 15.24 -18.16 -10.04
N GLU A 42 15.48 -17.46 -11.13
CA GLU A 42 16.82 -17.30 -11.68
C GLU A 42 17.75 -16.56 -10.72
N ALA A 43 17.19 -15.89 -9.72
CA ALA A 43 18.01 -15.04 -8.82
C ALA A 43 18.46 -15.67 -7.51
N LEU A 44 18.16 -16.95 -7.30
CA LEU A 44 18.62 -17.58 -6.06
C LEU A 44 20.13 -17.51 -6.01
N GLY A 45 20.63 -17.26 -4.83
CA GLY A 45 22.03 -17.06 -4.63
C GLY A 45 22.60 -15.70 -4.95
N LEU A 46 21.91 -14.83 -5.69
CA LEU A 46 22.41 -13.49 -5.93
C LEU A 46 22.19 -12.57 -4.74
N ASP A 47 23.01 -11.51 -4.64
CA ASP A 47 22.83 -10.55 -3.54
C ASP A 47 21.51 -9.86 -3.74
N ALA A 48 20.73 -9.66 -2.67
CA ALA A 48 19.37 -9.03 -2.79
C ALA A 48 19.34 -7.68 -3.48
N GLY A 49 20.44 -6.95 -3.35
CA GLY A 49 20.53 -5.69 -4.01
C GLY A 49 21.19 -5.68 -5.40
N TYR A 50 21.43 -6.86 -6.00
CA TYR A 50 22.16 -6.92 -7.28
C TYR A 50 21.57 -6.02 -8.38
N ALA A 51 20.26 -5.80 -8.42
CA ALA A 51 19.65 -5.04 -9.50
C ALA A 51 19.43 -3.60 -9.11
N VAL A 52 19.76 -3.19 -7.87
CA VAL A 52 19.53 -1.82 -7.44
C VAL A 52 20.81 -1.15 -6.90
N GLY A 53 21.97 -1.75 -7.16
CA GLY A 53 23.27 -1.11 -6.82
C GLY A 53 23.69 -1.20 -5.37
N LEU A 54 23.21 -2.19 -4.64
CA LEU A 54 23.53 -2.29 -3.22
C LEU A 54 24.13 -3.61 -2.91
N LYS A 55 25.08 -3.59 -1.98
CA LYS A 55 25.70 -4.77 -1.48
C LYS A 55 25.16 -5.10 -0.09
N THR A 56 24.13 -5.95 -0.03
CA THR A 56 23.46 -6.15 1.18
C THR A 56 24.04 -7.29 1.95
N GLY A 57 24.78 -8.22 1.32
CA GLY A 57 25.25 -9.39 2.02
C GLY A 57 24.23 -10.45 2.22
N ILE A 58 23.04 -10.26 1.61
CA ILE A 58 21.97 -11.15 1.83
C ILE A 58 21.76 -11.85 0.50
N ALA A 59 21.91 -13.17 0.49
CA ALA A 59 21.72 -13.96 -0.72
C ALA A 59 20.24 -14.18 -0.82
N ILE A 60 19.68 -13.99 -1.99
CA ILE A 60 18.28 -14.35 -2.25
C ILE A 60 18.17 -15.87 -2.06
N SER A 61 17.19 -16.27 -1.26
CA SER A 61 17.08 -17.64 -0.74
C SER A 61 15.66 -18.20 -0.92
N ASP A 62 15.53 -19.52 -0.93
CA ASP A 62 14.17 -20.10 -0.91
C ASP A 62 13.95 -20.79 0.40
N ASP A 63 14.80 -20.53 1.39
CA ASP A 63 14.68 -21.22 2.67
C ASP A 63 13.86 -20.36 3.65
N VAL A 64 12.55 -20.56 3.62
CA VAL A 64 11.65 -19.63 4.28
C VAL A 64 11.89 -19.70 5.79
N ASP A 65 12.07 -20.91 6.32
CA ASP A 65 12.25 -21.09 7.79
C ASP A 65 13.52 -20.44 8.26
N ALA A 66 14.59 -20.59 7.50
CA ALA A 66 15.88 -20.00 7.88
C ALA A 66 15.88 -18.46 7.89
N VAL A 67 15.26 -17.87 6.90
CA VAL A 67 15.14 -16.44 6.77
C VAL A 67 14.29 -15.90 7.92
N LEU A 68 13.11 -16.50 8.17
CA LEU A 68 12.23 -16.02 9.23
C LEU A 68 12.81 -16.15 10.63
N ALA A 69 13.62 -17.18 10.82
CA ALA A 69 14.32 -17.40 12.08
C ALA A 69 15.24 -16.26 12.41
N GLN A 70 15.78 -15.56 11.42
CA GLN A 70 16.69 -14.47 11.73
C GLN A 70 16.15 -13.04 11.44
N SER A 71 14.84 -12.93 11.29
CA SER A 71 14.18 -11.66 10.97
C SER A 71 13.15 -11.26 12.05
N ASP A 72 12.78 -10.00 12.11
CA ASP A 72 11.76 -9.53 13.04
C ASP A 72 10.42 -9.33 12.34
N VAL A 73 10.45 -9.00 11.07
CA VAL A 73 9.27 -8.66 10.25
C VAL A 73 9.51 -9.07 8.79
N LEU A 74 8.47 -9.67 8.17
CA LEU A 74 8.43 -9.95 6.77
C LEU A 74 7.53 -8.93 6.02
N ILE A 75 8.00 -8.33 4.91
CA ILE A 75 7.19 -7.48 4.08
C ILE A 75 6.87 -8.31 2.79
N ASP A 76 5.61 -8.46 2.48
CA ASP A 76 5.13 -9.35 1.40
C ASP A 76 4.10 -8.69 0.44
N PHE A 77 4.51 -8.43 -0.81
CA PHE A 77 3.62 -7.87 -1.82
C PHE A 77 3.69 -8.90 -2.95
N THR A 78 3.15 -10.06 -2.73
CA THR A 78 3.33 -11.15 -3.73
C THR A 78 1.90 -11.56 -4.22
N ARG A 79 1.54 -12.78 -4.01
CA ARG A 79 0.19 -13.26 -4.38
C ARG A 79 -0.45 -13.89 -3.17
N PRO A 80 -1.79 -13.99 -3.13
CA PRO A 80 -2.46 -14.49 -1.93
C PRO A 80 -1.98 -15.85 -1.42
N GLU A 81 -1.81 -16.79 -2.31
CA GLU A 81 -1.45 -18.15 -1.90
C GLU A 81 -0.08 -18.28 -1.24
N PRO A 82 0.97 -17.80 -1.91
CA PRO A 82 2.24 -17.81 -1.23
C PRO A 82 2.30 -16.96 0.01
N THR A 83 1.58 -15.82 0.01
CA THR A 83 1.50 -14.97 1.23
C THR A 83 0.91 -15.70 2.40
N LEU A 84 -0.12 -16.51 2.19
CA LEU A 84 -0.68 -17.17 3.31
C LEU A 84 0.19 -18.32 3.83
N LYS A 85 1.01 -18.97 3.00
CA LYS A 85 2.05 -19.89 3.54
C LYS A 85 3.09 -19.18 4.41
N HIS A 86 3.51 -18.00 3.93
CA HIS A 86 4.44 -17.16 4.71
C HIS A 86 3.80 -16.75 6.02
N LEU A 87 2.53 -16.36 6.00
CA LEU A 87 1.80 -16.06 7.21
C LEU A 87 1.87 -17.10 8.31
N GLN A 88 1.60 -18.36 7.97
CA GLN A 88 1.66 -19.45 8.92
C GLN A 88 3.03 -19.54 9.60
N LYS A 89 4.09 -19.39 8.82
CA LYS A 89 5.47 -19.40 9.34
C LYS A 89 5.83 -18.20 10.19
N CYS A 90 5.28 -17.01 9.88
CA CYS A 90 5.46 -15.85 10.72
C CYS A 90 4.81 -16.07 12.08
N VAL A 91 3.62 -16.65 12.06
CA VAL A 91 2.93 -16.98 13.28
C VAL A 91 3.81 -17.91 14.12
N GLU A 92 4.25 -19.00 13.52
CA GLU A 92 5.09 -19.97 14.19
C GLU A 92 6.38 -19.36 14.76
N LYS A 93 7.01 -18.52 13.97
CA LYS A 93 8.29 -17.95 14.41
C LYS A 93 8.18 -16.65 15.20
N GLN A 94 6.97 -16.17 15.46
CA GLN A 94 6.74 -14.89 16.07
C GLN A 94 7.39 -13.75 15.31
N VAL A 95 7.10 -13.69 14.03
CA VAL A 95 7.63 -12.59 13.12
C VAL A 95 6.41 -11.74 12.73
N ASN A 96 6.55 -10.41 12.71
CA ASN A 96 5.43 -9.56 12.26
C ASN A 96 5.39 -9.62 10.74
N ILE A 97 4.29 -9.17 10.16
CA ILE A 97 4.11 -9.27 8.71
C ILE A 97 3.35 -8.06 8.19
N ILE A 98 3.87 -7.41 7.13
CA ILE A 98 3.26 -6.34 6.42
C ILE A 98 2.75 -6.90 5.06
N ILE A 99 1.45 -6.99 4.98
CA ILE A 99 0.77 -7.63 3.82
C ILE A 99 0.33 -6.57 2.89
N GLY A 100 1.08 -6.39 1.80
CA GLY A 100 0.66 -5.53 0.70
C GLY A 100 0.01 -6.27 -0.44
N THR A 101 0.08 -7.58 -0.39
CA THR A 101 -0.61 -8.47 -1.35
C THR A 101 -2.07 -8.12 -1.36
N THR A 102 -2.67 -8.04 -2.55
CA THR A 102 -4.05 -7.74 -2.69
C THR A 102 -4.74 -8.96 -3.33
N GLY A 103 -6.05 -8.93 -3.38
CA GLY A 103 -6.82 -9.95 -4.11
C GLY A 103 -7.28 -11.07 -3.23
N PHE A 104 -7.25 -10.87 -1.89
CA PHE A 104 -7.82 -11.84 -0.99
C PHE A 104 -9.35 -11.76 -1.04
N ASP A 105 -9.99 -12.89 -0.93
CA ASP A 105 -11.44 -12.87 -0.77
C ASP A 105 -11.77 -13.08 0.74
N ASP A 106 -13.04 -13.36 1.05
CA ASP A 106 -13.41 -13.53 2.45
C ASP A 106 -12.59 -14.56 3.25
N ALA A 107 -12.29 -15.70 2.66
CA ALA A 107 -11.55 -16.71 3.49
C ALA A 107 -10.04 -16.28 3.76
N GLY A 108 -9.44 -15.56 2.83
CA GLY A 108 -8.06 -15.09 3.01
C GLY A 108 -8.04 -14.06 4.10
N LYS A 109 -9.01 -13.14 4.06
CA LYS A 109 -9.13 -12.08 5.08
C LYS A 109 -9.38 -12.66 6.47
N ALA A 110 -10.18 -13.73 6.57
CA ALA A 110 -10.36 -14.39 7.83
C ALA A 110 -9.05 -15.01 8.37
N ALA A 111 -8.24 -15.58 7.48
CA ALA A 111 -7.00 -16.14 7.86
C ALA A 111 -6.06 -15.05 8.46
N ILE A 112 -6.06 -13.89 7.81
CA ILE A 112 -5.20 -12.74 8.29
C ILE A 112 -5.66 -12.28 9.68
N ARG A 113 -6.99 -12.13 9.87
CA ARG A 113 -7.58 -11.74 11.14
C ARG A 113 -7.21 -12.71 12.25
N ALA A 114 -7.27 -14.00 11.95
CA ALA A 114 -6.92 -14.99 12.92
C ALA A 114 -5.43 -14.92 13.35
N ALA A 115 -4.55 -14.75 12.39
CA ALA A 115 -3.15 -14.73 12.74
C ALA A 115 -2.80 -13.48 13.55
N ALA A 116 -3.59 -12.41 13.38
CA ALA A 116 -3.37 -11.14 14.11
C ALA A 116 -3.58 -11.23 15.60
N GLU A 117 -4.21 -12.29 16.04
CA GLU A 117 -4.25 -12.60 17.46
C GLU A 117 -2.88 -12.99 17.98
N LYS A 118 -1.94 -13.42 17.10
CA LYS A 118 -0.69 -14.05 17.55
C LYS A 118 0.54 -13.31 17.10
N THR A 119 0.41 -12.38 16.17
CA THR A 119 1.55 -11.60 15.75
C THR A 119 1.10 -10.22 15.30
N GLY A 120 2.04 -9.31 14.97
CA GLY A 120 1.69 -7.97 14.54
C GLY A 120 1.52 -7.96 13.02
N ILE A 121 0.43 -7.43 12.54
CA ILE A 121 0.15 -7.37 11.12
C ILE A 121 -0.30 -6.00 10.76
N VAL A 122 0.19 -5.50 9.63
CA VAL A 122 -0.40 -4.37 9.01
C VAL A 122 -0.81 -4.88 7.62
N PHE A 123 -2.08 -4.76 7.35
CA PHE A 123 -2.73 -5.27 6.09
C PHE A 123 -3.53 -4.13 5.53
N ALA A 124 -3.11 -3.63 4.39
CA ALA A 124 -3.71 -2.42 3.76
C ALA A 124 -3.82 -2.65 2.24
N ALA A 125 -4.88 -2.13 1.65
CA ALA A 125 -5.03 -2.16 0.19
C ALA A 125 -4.01 -1.27 -0.49
N ASN A 126 -3.46 -0.26 0.20
CA ASN A 126 -2.52 0.62 -0.41
C ASN A 126 -1.56 1.09 0.67
N PHE A 127 -0.28 0.98 0.38
CA PHE A 127 0.77 1.36 1.36
C PHE A 127 1.39 2.74 1.13
N SER A 128 0.92 3.44 0.10
CA SER A 128 1.41 4.80 -0.10
C SER A 128 0.94 5.70 1.04
N VAL A 129 1.89 6.37 1.67
CA VAL A 129 1.53 7.28 2.72
C VAL A 129 0.67 8.41 2.15
N GLY A 130 1.05 9.00 1.03
CA GLY A 130 0.27 10.06 0.44
C GLY A 130 -1.12 9.65 0.03
N VAL A 131 -1.28 8.45 -0.52
CA VAL A 131 -2.62 8.02 -0.95
C VAL A 131 -3.52 7.92 0.25
N ASN A 132 -3.06 7.22 1.30
CA ASN A 132 -3.92 7.03 2.48
C ASN A 132 -4.25 8.35 3.15
N LEU A 133 -3.31 9.28 3.15
CA LEU A 133 -3.58 10.61 3.64
C LEU A 133 -4.66 11.34 2.81
N THR A 134 -4.56 11.23 1.50
CA THR A 134 -5.59 11.71 0.59
C THR A 134 -6.97 11.13 0.93
N PHE A 135 -7.06 9.84 1.19
CA PHE A 135 -8.38 9.26 1.43
C PHE A 135 -8.96 9.91 2.69
N HIS A 136 -8.08 10.19 3.66
CA HIS A 136 -8.50 10.78 4.94
C HIS A 136 -8.93 12.24 4.76
N ILE A 137 -8.13 13.04 4.10
CA ILE A 137 -8.53 14.41 3.93
C ILE A 137 -9.73 14.62 3.02
N LEU A 138 -9.93 13.72 2.07
CA LEU A 138 -11.11 13.84 1.25
C LEU A 138 -12.42 13.81 2.01
N ASP A 139 -12.52 13.01 3.09
CA ASP A 139 -13.71 13.01 3.93
C ASP A 139 -13.98 14.44 4.45
N THR A 140 -12.96 15.08 4.98
CA THR A 140 -13.15 16.42 5.50
C THR A 140 -13.55 17.37 4.39
N VAL A 141 -12.86 17.32 3.23
CA VAL A 141 -13.11 18.25 2.20
C VAL A 141 -14.53 18.10 1.72
N ALA A 142 -14.93 16.87 1.49
CA ALA A 142 -16.25 16.68 0.98
C ALA A 142 -17.39 17.09 1.94
N ARG A 143 -17.17 16.93 3.23
CA ARG A 143 -18.13 17.43 4.23
C ARG A 143 -18.33 18.95 4.21
N VAL A 144 -17.24 19.70 4.04
CA VAL A 144 -17.31 21.12 4.02
C VAL A 144 -17.81 21.64 2.66
N LEU A 145 -17.44 20.98 1.56
CA LEU A 145 -17.80 21.37 0.26
C LEU A 145 -18.98 20.47 -0.17
N ASN A 146 -19.92 20.27 0.76
CA ASN A 146 -21.07 19.33 0.53
C ASN A 146 -22.24 19.88 -0.33
N GLU A 147 -22.26 21.20 -0.50
CA GLU A 147 -23.24 21.89 -1.32
C GLU A 147 -22.56 22.78 -2.28
N GLY A 148 -23.07 22.87 -3.51
CA GLY A 148 -22.58 23.87 -4.43
C GLY A 148 -21.38 23.51 -5.30
N TYR A 149 -20.73 22.35 -5.10
CA TYR A 149 -19.54 22.01 -5.83
C TYR A 149 -19.76 20.83 -6.76
N ASP A 150 -19.12 20.89 -7.91
CA ASP A 150 -19.01 19.75 -8.81
C ASP A 150 -17.69 19.09 -8.52
N ILE A 151 -17.76 17.80 -8.31
CA ILE A 151 -16.60 17.01 -7.85
C ILE A 151 -16.25 16.03 -8.96
N GLU A 152 -14.98 16.03 -9.33
CA GLU A 152 -14.51 15.19 -10.41
C GLU A 152 -13.28 14.43 -9.94
N ILE A 153 -13.27 13.12 -10.17
CA ILE A 153 -12.09 12.29 -9.84
C ILE A 153 -11.40 12.00 -11.14
N ILE A 154 -10.21 12.55 -11.28
CA ILE A 154 -9.46 12.51 -12.54
C ILE A 154 -8.22 11.62 -12.34
N GLU A 155 -8.03 10.68 -13.23
CA GLU A 155 -6.84 9.87 -13.05
C GLU A 155 -6.11 9.62 -14.32
N GLY A 156 -4.78 9.58 -14.23
CA GLY A 156 -3.93 9.23 -15.36
C GLY A 156 -3.18 7.94 -15.08
N HIS A 157 -3.23 6.94 -16.02
CA HIS A 157 -2.42 5.70 -15.94
C HIS A 157 -1.83 5.26 -17.25
N HIS A 158 -0.90 4.34 -17.14
CA HIS A 158 -0.19 3.77 -18.30
C HIS A 158 -1.23 3.11 -19.25
N ARG A 159 -0.84 3.05 -20.52
CA ARG A 159 -1.74 2.77 -21.64
C ARG A 159 -2.52 1.49 -21.48
N HIS A 160 -1.81 0.44 -21.05
CA HIS A 160 -2.36 -0.91 -21.05
C HIS A 160 -3.06 -1.23 -19.72
N LYS A 161 -3.24 -0.25 -18.82
CA LYS A 161 -3.96 -0.52 -17.57
C LYS A 161 -5.37 -1.01 -17.88
N VAL A 162 -5.82 -2.13 -17.26
CA VAL A 162 -7.14 -2.77 -17.56
C VAL A 162 -8.31 -2.08 -16.82
N ASP A 163 -8.19 -1.92 -15.50
CA ASP A 163 -9.23 -1.28 -14.66
C ASP A 163 -9.31 0.27 -14.87
N ALA A 164 -10.49 0.77 -15.29
CA ALA A 164 -10.88 2.20 -15.30
C ALA A 164 -12.25 2.32 -14.67
N PRO A 165 -12.45 3.20 -13.68
CA PRO A 165 -11.40 3.94 -12.96
C PRO A 165 -10.54 2.96 -12.13
N SER A 166 -9.31 3.37 -11.77
CA SER A 166 -8.46 2.55 -10.90
C SER A 166 -9.11 2.31 -9.56
N GLY A 167 -8.58 1.36 -8.81
CA GLY A 167 -9.04 1.10 -7.45
C GLY A 167 -8.85 2.25 -6.52
N THR A 168 -7.76 2.99 -6.69
CA THR A 168 -7.55 4.18 -5.91
C THR A 168 -8.65 5.21 -6.21
N ALA A 169 -8.94 5.43 -7.52
CA ALA A 169 -9.95 6.40 -7.89
C ALA A 169 -11.32 6.00 -7.33
N LEU A 170 -11.63 4.72 -7.39
CA LEU A 170 -12.93 4.23 -6.86
C LEU A 170 -13.00 4.42 -5.36
N ARG A 171 -11.91 4.18 -4.66
CA ARG A 171 -11.87 4.45 -3.23
C ARG A 171 -12.07 5.94 -2.94
N MET A 172 -11.44 6.78 -3.73
CA MET A 172 -11.57 8.26 -3.52
C MET A 172 -13.08 8.61 -3.68
N GLY A 173 -13.70 8.02 -4.71
CA GLY A 173 -15.13 8.16 -4.94
C GLY A 173 -16.01 7.71 -3.78
N GLU A 174 -15.72 6.53 -3.23
CA GLU A 174 -16.45 5.98 -2.07
C GLU A 174 -16.30 6.81 -0.82
N VAL A 175 -15.09 7.32 -0.57
CA VAL A 175 -14.91 8.26 0.54
C VAL A 175 -15.74 9.52 0.38
N ILE A 176 -15.69 10.12 -0.82
CA ILE A 176 -16.47 11.32 -1.10
C ILE A 176 -17.99 11.09 -1.03
N ALA A 177 -18.45 10.06 -1.71
CA ALA A 177 -19.89 9.75 -1.68
C ALA A 177 -20.36 9.50 -0.26
N GLY A 178 -19.57 8.74 0.48
CA GLY A 178 -19.82 8.54 1.88
C GLY A 178 -19.90 9.83 2.66
N ALA A 179 -18.96 10.74 2.44
CA ALA A 179 -18.99 12.00 3.21
C ALA A 179 -20.26 12.83 2.84
N LEU A 180 -20.79 12.67 1.62
CA LEU A 180 -21.95 13.39 1.16
C LEU A 180 -23.22 12.69 1.58
N GLY A 181 -23.14 11.59 2.32
CA GLY A 181 -24.33 10.82 2.70
C GLY A 181 -24.99 10.08 1.55
N ARG A 182 -24.21 9.72 0.54
CA ARG A 182 -24.72 9.07 -0.69
C ARG A 182 -24.01 7.76 -0.99
N ASP A 183 -24.51 7.04 -2.01
CA ASP A 183 -23.92 5.80 -2.51
C ASP A 183 -23.28 6.10 -3.86
N LEU A 184 -22.16 5.43 -4.17
CA LEU A 184 -21.46 5.72 -5.41
C LEU A 184 -22.19 5.19 -6.65
N LYS A 185 -22.25 6.04 -7.67
CA LYS A 185 -22.83 5.76 -8.98
C LYS A 185 -24.18 5.02 -8.87
N GLY A 194 -27.00 20.19 -15.40
CA GLY A 194 -27.28 21.58 -15.01
C GLY A 194 -26.31 22.25 -14.02
N HIS A 195 -26.55 23.53 -13.77
CA HIS A 195 -25.81 24.33 -12.79
C HIS A 195 -26.04 23.91 -11.29
N THR A 196 -24.96 23.70 -10.58
CA THR A 196 -25.02 23.38 -9.14
C THR A 196 -25.01 24.66 -8.33
N GLY A 197 -26.16 25.03 -7.78
CA GLY A 197 -26.25 26.27 -6.98
C GLY A 197 -25.69 26.13 -5.58
N PRO A 198 -25.62 27.24 -4.78
CA PRO A 198 -24.96 27.14 -3.48
C PRO A 198 -25.60 26.22 -2.46
N ARG A 199 -26.91 25.95 -2.56
CA ARG A 199 -27.54 24.99 -1.64
C ARG A 199 -27.84 23.63 -2.34
N ASP A 200 -27.38 23.42 -3.57
CA ASP A 200 -27.61 22.10 -4.20
C ASP A 200 -26.54 21.13 -3.65
N PRO A 201 -26.93 19.88 -3.33
CA PRO A 201 -25.90 18.85 -3.01
C PRO A 201 -24.81 18.72 -4.11
N SER A 202 -23.55 18.68 -3.67
CA SER A 202 -22.43 18.55 -4.58
C SER A 202 -22.47 17.20 -5.30
N THR A 203 -22.06 17.22 -6.53
CA THR A 203 -22.19 16.10 -7.48
C THR A 203 -20.79 15.46 -7.67
N ILE A 204 -20.76 14.20 -8.08
CA ILE A 204 -19.51 13.42 -8.32
C ILE A 204 -19.48 12.85 -9.75
N GLY A 205 -18.32 12.92 -10.41
CA GLY A 205 -18.04 12.30 -11.72
C GLY A 205 -16.57 11.81 -11.80
N PHE A 206 -16.25 11.03 -12.84
CA PHE A 206 -14.89 10.39 -13.07
C PHE A 206 -14.39 10.67 -14.44
N ALA A 207 -13.09 10.98 -14.59
CA ALA A 207 -12.43 11.11 -15.88
C ALA A 207 -11.09 10.33 -15.87
N THR A 208 -10.78 9.70 -16.98
CA THR A 208 -9.71 8.73 -17.07
C THR A 208 -8.84 9.06 -18.26
N VAL A 209 -7.52 9.08 -18.06
CA VAL A 209 -6.52 9.26 -19.12
C VAL A 209 -5.71 7.95 -19.15
N ARG A 210 -5.58 7.29 -20.32
CA ARG A 210 -4.75 6.07 -20.49
C ARG A 210 -3.66 6.45 -21.52
N ALA A 211 -2.40 6.50 -21.11
CA ALA A 211 -1.33 7.06 -21.99
C ALA A 211 0.11 6.77 -21.52
N GLY A 212 0.97 6.34 -22.45
CA GLY A 212 2.37 6.20 -22.11
C GLY A 212 2.56 5.22 -20.97
N ASP A 213 3.42 5.59 -20.01
CA ASP A 213 3.80 4.67 -18.93
C ASP A 213 3.62 5.31 -17.56
N ILE A 214 2.61 6.18 -17.48
CA ILE A 214 2.27 7.02 -16.30
C ILE A 214 2.05 6.04 -15.14
N VAL A 215 2.81 6.18 -14.08
CA VAL A 215 2.73 5.27 -12.90
C VAL A 215 1.42 5.40 -12.15
N GLY A 216 1.01 6.65 -12.00
CA GLY A 216 -0.37 6.91 -11.58
C GLY A 216 -0.47 8.29 -10.97
N ASP A 217 -1.32 9.10 -11.56
CA ASP A 217 -1.73 10.45 -11.05
C ASP A 217 -3.24 10.38 -10.70
N HIS A 218 -3.61 10.84 -9.51
CA HIS A 218 -5.03 10.92 -9.06
C HIS A 218 -5.33 12.33 -8.51
N THR A 219 -6.38 12.99 -9.02
CA THR A 219 -6.79 14.29 -8.58
C THR A 219 -8.24 14.24 -8.23
N ALA A 220 -8.57 14.74 -7.06
CA ALA A 220 -9.97 15.09 -6.76
C ALA A 220 -10.13 16.61 -6.92
N LEU A 221 -11.01 17.00 -7.85
CA LEU A 221 -11.24 18.40 -8.18
C LEU A 221 -12.61 18.77 -7.57
N PHE A 222 -12.64 19.82 -6.73
CA PHE A 222 -13.90 20.37 -6.27
C PHE A 222 -14.07 21.76 -6.86
N ALA A 223 -15.07 21.97 -7.70
CA ALA A 223 -15.22 23.21 -8.43
C ALA A 223 -16.54 23.87 -8.20
N THR A 224 -16.50 25.18 -8.03
CA THR A 224 -17.71 25.98 -7.94
C THR A 224 -17.47 27.27 -8.70
N ASP A 225 -18.43 28.19 -8.66
CA ASP A 225 -18.26 29.51 -9.24
C ASP A 225 -17.14 30.30 -8.52
N GLY A 226 -16.11 30.57 -9.25
CA GLY A 226 -14.99 31.36 -8.79
C GLY A 226 -13.84 30.60 -8.22
N GLU A 227 -13.93 29.27 -8.00
CA GLU A 227 -12.83 28.51 -7.36
C GLU A 227 -12.79 27.04 -7.63
N ARG A 228 -11.56 26.56 -7.61
CA ARG A 228 -11.22 25.17 -7.64
C ARG A 228 -10.32 24.84 -6.53
N VAL A 229 -10.64 23.71 -5.87
CA VAL A 229 -9.75 23.04 -4.91
C VAL A 229 -9.36 21.72 -5.51
N GLU A 230 -8.07 21.45 -5.51
CA GLU A 230 -7.58 20.18 -6.10
C GLU A 230 -6.71 19.49 -5.06
N ILE A 231 -7.05 18.23 -4.82
CA ILE A 231 -6.24 17.38 -3.93
C ILE A 231 -5.60 16.29 -4.87
N THR A 232 -4.30 16.33 -4.98
CA THR A 232 -3.57 15.52 -6.00
C THR A 232 -2.48 14.63 -5.42
N HIS A 233 -2.48 13.38 -5.88
CA HIS A 233 -1.40 12.45 -5.63
C HIS A 233 -0.77 12.06 -6.93
N LYS A 234 0.55 12.20 -6.96
CA LYS A 234 1.39 11.77 -8.07
C LYS A 234 2.44 10.72 -7.66
N ALA A 235 2.28 9.49 -8.18
CA ALA A 235 3.28 8.41 -7.95
C ALA A 235 4.40 8.44 -9.00
N GLY A 236 5.63 8.67 -8.61
CA GLY A 236 6.77 8.66 -9.53
C GLY A 236 7.36 7.27 -9.75
N SER A 237 7.11 6.33 -8.83
CA SER A 237 7.63 4.97 -8.97
C SER A 237 6.96 4.13 -7.87
N ARG A 238 7.31 2.87 -7.82
CA ARG A 238 6.79 2.03 -6.76
C ARG A 238 7.40 2.35 -5.37
N MET A 239 8.36 3.27 -5.29
CA MET A 239 8.95 3.58 -4.03
C MET A 239 7.92 4.13 -3.05
N THR A 240 6.88 4.80 -3.53
CA THR A 240 5.92 5.24 -2.62
C THR A 240 5.23 4.10 -1.80
N PHE A 241 4.91 2.99 -2.42
CA PHE A 241 4.34 1.93 -1.68
C PHE A 241 5.36 1.27 -0.76
N ALA A 242 6.58 1.11 -1.26
CA ALA A 242 7.63 0.45 -0.54
C ALA A 242 7.98 1.23 0.76
N ALA A 243 8.10 2.52 0.62
CA ALA A 243 8.53 3.43 1.75
C ALA A 243 7.43 3.35 2.87
N GLY A 244 6.14 3.34 2.45
CA GLY A 244 5.00 3.24 3.38
C GLY A 244 4.98 1.86 4.05
N ALA A 245 5.32 0.81 3.30
CA ALA A 245 5.44 -0.55 3.89
C ALA A 245 6.56 -0.62 4.96
N VAL A 246 7.68 0.04 4.69
CA VAL A 246 8.73 0.05 5.69
C VAL A 246 8.37 0.89 6.92
N ARG A 247 7.70 2.04 6.72
CA ARG A 247 7.12 2.83 7.83
C ARG A 247 6.20 2.00 8.66
N ALA A 248 5.35 1.16 8.01
CA ALA A 248 4.48 0.28 8.74
C ALA A 248 5.20 -0.82 9.55
N ALA A 249 6.23 -1.38 9.03
CA ALA A 249 7.09 -2.31 9.73
C ALA A 249 7.68 -1.70 11.02
N VAL A 250 8.18 -0.51 10.84
CA VAL A 250 8.73 0.20 12.05
C VAL A 250 7.65 0.50 13.09
N TRP A 251 6.46 0.92 12.62
CA TRP A 251 5.34 1.26 13.49
C TRP A 251 4.80 0.07 14.27
N VAL A 252 4.65 -1.07 13.60
CA VAL A 252 4.05 -2.22 14.23
C VAL A 252 5.01 -3.02 15.15
N ASN A 253 6.28 -2.63 15.16
CA ASN A 253 7.28 -3.22 16.05
C ASN A 253 6.81 -3.14 17.49
N GLY A 254 6.83 -4.28 18.14
CA GLY A 254 6.37 -4.43 19.51
C GLY A 254 4.88 -4.57 19.73
N LYS A 255 4.11 -4.81 18.66
CA LYS A 255 2.67 -4.90 18.78
C LYS A 255 2.17 -6.21 18.26
N THR A 256 0.98 -6.62 18.76
CA THR A 256 0.25 -7.78 18.28
C THR A 256 -1.05 -7.26 17.88
N GLY A 257 -1.66 -7.77 16.80
CA GLY A 257 -2.95 -7.23 16.42
C GLY A 257 -3.04 -6.97 14.92
N LEU A 258 -4.27 -6.69 14.42
CA LEU A 258 -4.49 -6.34 13.04
C LEU A 258 -4.64 -4.84 12.84
N TYR A 259 -3.72 -4.23 12.09
CA TYR A 259 -3.74 -2.82 11.88
C TYR A 259 -3.78 -2.51 10.41
N ASP A 260 -4.12 -1.26 10.11
CA ASP A 260 -4.10 -0.79 8.72
C ASP A 260 -3.30 0.53 8.66
N MET A 261 -3.23 1.11 7.46
CA MET A 261 -2.43 2.33 7.26
C MET A 261 -2.97 3.57 7.99
N GLN A 262 -4.27 3.60 8.25
CA GLN A 262 -4.89 4.68 9.08
C GLN A 262 -4.29 4.65 10.49
N ASP A 263 -4.07 3.44 11.00
CA ASP A 263 -3.38 3.25 12.28
C ASP A 263 -1.95 3.72 12.25
N VAL A 264 -1.20 3.26 11.23
CA VAL A 264 0.21 3.62 11.03
C VAL A 264 0.35 5.15 11.02
N LEU A 265 -0.57 5.84 10.36
CA LEU A 265 -0.46 7.28 10.14
C LEU A 265 -1.07 8.11 11.26
N GLY A 266 -1.67 7.45 12.22
CA GLY A 266 -2.25 8.10 13.40
C GLY A 266 -3.51 8.84 13.04
N LEU A 267 -4.30 8.31 12.11
CA LEU A 267 -5.47 9.00 11.59
C LEU A 267 -6.75 8.39 12.12
N ASN A 268 -7.84 9.13 12.08
CA ASN A 268 -9.17 8.70 12.63
C ASN A 268 -9.20 8.55 14.17
#